data_2LQ0
#
_entry.id   2LQ0
#
_entity_poly.entity_id   1
_entity_poly.type   'polypeptide(L)'
_entity_poly.pdbx_seq_one_letter_code
;QRSNFHPLAASFIVRCAFEHSRRFT
;
_entity_poly.pdbx_strand_id   A
#
# COMPACT_ATOMS: atom_id res chain seq x y z
N GLN A 1 8.10 7.44 11.80
CA GLN A 1 9.48 7.11 11.44
C GLN A 1 9.66 7.09 9.92
N ARG A 2 10.70 7.76 9.45
CA ARG A 2 10.97 7.82 8.01
C ARG A 2 11.62 6.52 7.54
N SER A 3 12.55 6.00 8.33
CA SER A 3 13.24 4.76 7.99
C SER A 3 12.25 3.62 7.81
N ASN A 4 11.25 3.57 8.69
CA ASN A 4 10.24 2.52 8.63
C ASN A 4 9.18 2.84 7.58
N PHE A 5 9.10 4.11 7.19
CA PHE A 5 8.13 4.55 6.21
C PHE A 5 8.43 3.93 4.84
N HIS A 6 9.72 3.83 4.51
CA HIS A 6 10.13 3.26 3.24
C HIS A 6 9.61 1.83 3.08
N PRO A 7 9.94 0.96 4.05
CA PRO A 7 9.52 -0.44 4.05
C PRO A 7 8.02 -0.58 4.30
N LEU A 8 7.43 0.41 4.96
CA LEU A 8 6.01 0.39 5.26
C LEU A 8 5.18 0.85 4.06
N ALA A 9 5.82 1.61 3.17
CA ALA A 9 5.14 2.11 1.98
C ALA A 9 4.64 0.95 1.12
N ALA A 10 5.45 -0.08 0.98
CA ALA A 10 5.09 -1.24 0.18
C ALA A 10 3.87 -1.94 0.76
N SER A 11 3.86 -2.12 2.08
CA SER A 11 2.76 -2.77 2.76
C SER A 11 1.47 -1.98 2.60
N PHE A 12 1.56 -0.67 2.79
CA PHE A 12 0.40 0.21 2.67
C PHE A 12 -0.02 0.34 1.21
N ILE A 13 0.93 0.19 0.30
CA ILE A 13 0.66 0.29 -1.13
C ILE A 13 -0.03 -0.95 -1.65
N VAL A 14 0.40 -2.11 -1.18
CA VAL A 14 -0.18 -3.39 -1.59
C VAL A 14 -1.58 -3.56 -1.01
N ARG A 15 -1.86 -2.83 0.07
CA ARG A 15 -3.17 -2.91 0.72
C ARG A 15 -4.19 -2.04 -0.01
N CYS A 16 -3.75 -0.87 -0.47
CA CYS A 16 -4.64 0.04 -1.18
C CYS A 16 -4.69 -0.30 -2.66
N ALA A 17 -3.56 -0.75 -3.20
CA ALA A 17 -3.48 -1.11 -4.61
C ALA A 17 -4.44 -2.26 -4.94
N PHE A 18 -4.54 -3.21 -4.01
CA PHE A 18 -5.42 -4.37 -4.20
C PHE A 18 -6.88 -3.97 -4.05
N GLU A 19 -7.15 -3.09 -3.10
CA GLU A 19 -8.51 -2.62 -2.84
C GLU A 19 -8.94 -1.58 -3.88
N HIS A 20 -7.96 -0.87 -4.42
CA HIS A 20 -8.22 0.16 -5.42
C HIS A 20 -8.66 -0.47 -6.74
N SER A 21 -8.07 -1.61 -7.08
CA SER A 21 -8.40 -2.32 -8.31
C SER A 21 -9.65 -3.18 -8.13
N ARG A 22 -9.81 -3.74 -6.94
CA ARG A 22 -10.95 -4.59 -6.64
C ARG A 22 -12.26 -3.85 -6.89
N ARG A 23 -12.29 -2.59 -6.48
CA ARG A 23 -13.50 -1.76 -6.67
C ARG A 23 -13.88 -1.68 -8.14
N PHE A 24 -12.88 -1.80 -9.01
CA PHE A 24 -13.12 -1.73 -10.45
C PHE A 24 -13.59 -3.09 -10.99
N THR A 25 -12.99 -4.16 -10.48
CA THR A 25 -13.34 -5.50 -10.90
C THR A 25 -14.51 -6.06 -10.09
N GLN A 1 8.15 7.64 11.79
CA GLN A 1 9.47 7.10 11.44
C GLN A 1 9.67 7.07 9.93
N ARG A 2 10.71 7.73 9.46
CA ARG A 2 11.00 7.78 8.03
C ARG A 2 11.64 6.46 7.56
N SER A 3 12.55 5.94 8.36
CA SER A 3 13.24 4.69 8.04
C SER A 3 12.24 3.55 7.87
N ASN A 4 11.23 3.53 8.73
CA ASN A 4 10.20 2.49 8.68
C ASN A 4 9.16 2.81 7.62
N PHE A 5 9.10 4.08 7.22
CA PHE A 5 8.15 4.52 6.21
C PHE A 5 8.45 3.89 4.86
N HIS A 6 9.73 3.78 4.54
CA HIS A 6 10.16 3.19 3.28
C HIS A 6 9.61 1.77 3.13
N PRO A 7 9.93 0.91 4.11
CA PRO A 7 9.49 -0.49 4.11
C PRO A 7 7.99 -0.63 4.35
N LEU A 8 7.41 0.39 4.99
CA LEU A 8 5.98 0.38 5.28
C LEU A 8 5.17 0.83 4.07
N ALA A 9 5.82 1.59 3.19
CA ALA A 9 5.16 2.09 1.98
C ALA A 9 4.65 0.94 1.12
N ALA A 10 5.47 -0.11 0.99
CA ALA A 10 5.09 -1.28 0.20
C ALA A 10 3.86 -1.97 0.78
N SER A 11 3.84 -2.12 2.09
CA SER A 11 2.72 -2.77 2.77
C SER A 11 1.43 -1.96 2.59
N PHE A 12 1.54 -0.64 2.78
CA PHE A 12 0.39 0.24 2.64
C PHE A 12 -0.02 0.38 1.17
N ILE A 13 0.95 0.20 0.28
CA ILE A 13 0.70 0.30 -1.15
C ILE A 13 -0.01 -0.94 -1.67
N VAL A 14 0.41 -2.11 -1.19
CA VAL A 14 -0.19 -3.37 -1.60
C VAL A 14 -1.59 -3.53 -1.03
N ARG A 15 -1.88 -2.79 0.04
CA ARG A 15 -3.19 -2.85 0.67
C ARG A 15 -4.20 -1.97 -0.07
N CYS A 16 -3.74 -0.81 -0.53
CA CYS A 16 -4.60 0.11 -1.25
C CYS A 16 -4.65 -0.24 -2.74
N ALA A 17 -3.52 -0.71 -3.26
CA ALA A 17 -3.44 -1.09 -4.67
C ALA A 17 -4.40 -2.23 -5.00
N PHE A 18 -4.52 -3.17 -4.06
CA PHE A 18 -5.41 -4.31 -4.25
C PHE A 18 -6.86 -3.90 -4.12
N GLU A 19 -7.14 -3.00 -3.17
CA GLU A 19 -8.50 -2.53 -2.93
C GLU A 19 -8.90 -1.48 -3.98
N HIS A 20 -7.91 -0.79 -4.52
CA HIS A 20 -8.16 0.23 -5.53
C HIS A 20 -8.59 -0.39 -6.85
N SER A 21 -8.01 -1.55 -7.17
CA SER A 21 -8.33 -2.26 -8.40
C SER A 21 -9.59 -3.11 -8.23
N ARG A 22 -9.76 -3.66 -7.03
CA ARG A 22 -10.92 -4.49 -6.74
C ARG A 22 -12.22 -3.73 -7.01
N ARG A 23 -12.25 -2.47 -6.61
CA ARG A 23 -13.44 -1.63 -6.81
C ARG A 23 -13.80 -1.56 -8.29
N PHE A 24 -12.80 -1.69 -9.15
CA PHE A 24 -13.02 -1.63 -10.59
C PHE A 24 -13.50 -2.98 -11.12
N THR A 25 -12.92 -4.06 -10.60
CA THR A 25 -13.29 -5.41 -11.02
C THR A 25 -14.47 -5.93 -10.21
N GLN A 1 8.06 7.03 11.90
CA GLN A 1 9.47 7.07 11.55
C GLN A 1 9.66 7.04 10.04
N ARG A 2 10.71 7.71 9.56
CA ARG A 2 11.01 7.76 8.14
C ARG A 2 11.64 6.45 7.67
N SER A 3 12.55 5.92 8.47
CA SER A 3 13.24 4.68 8.13
C SER A 3 12.24 3.54 7.96
N ASN A 4 11.24 3.51 8.83
CA ASN A 4 10.21 2.46 8.76
C ASN A 4 9.17 2.79 7.70
N PHE A 5 9.11 4.07 7.31
CA PHE A 5 8.15 4.51 6.31
C PHE A 5 8.45 3.89 4.95
N HIS A 6 9.74 3.78 4.63
CA HIS A 6 10.17 3.20 3.36
C HIS A 6 9.63 1.78 3.20
N PRO A 7 9.94 0.91 4.17
CA PRO A 7 9.50 -0.49 4.16
C PRO A 7 8.00 -0.63 4.41
N LEU A 8 7.42 0.38 5.06
CA LEU A 8 5.99 0.38 5.35
C LEU A 8 5.18 0.84 4.14
N ALA A 9 5.82 1.60 3.26
CA ALA A 9 5.17 2.10 2.06
C ALA A 9 4.66 0.96 1.19
N ALA A 10 5.47 -0.08 1.06
CA ALA A 10 5.11 -1.25 0.26
C ALA A 10 3.87 -1.94 0.83
N SER A 11 3.85 -2.10 2.15
CA SER A 11 2.73 -2.75 2.81
C SER A 11 1.45 -1.95 2.64
N PHE A 12 1.55 -0.64 2.84
CA PHE A 12 0.40 0.25 2.70
C PHE A 12 0.00 0.40 1.24
N ILE A 13 0.96 0.22 0.34
CA ILE A 13 0.71 0.33 -1.09
C ILE A 13 0.00 -0.91 -1.62
N VAL A 14 0.42 -2.07 -1.14
CA VAL A 14 -0.18 -3.34 -1.56
C VAL A 14 -1.59 -3.49 -0.99
N ARG A 15 -1.87 -2.76 0.08
CA ARG A 15 -3.18 -2.83 0.72
C ARG A 15 -4.19 -1.95 -0.02
N CYS A 16 -3.73 -0.79 -0.47
CA CYS A 16 -4.60 0.14 -1.19
C CYS A 16 -4.64 -0.20 -2.67
N ALA A 17 -3.52 -0.67 -3.21
CA ALA A 17 -3.43 -1.03 -4.61
C ALA A 17 -4.38 -2.17 -4.94
N PHE A 18 -4.51 -3.12 -4.02
CA PHE A 18 -5.39 -4.27 -4.21
C PHE A 18 -6.86 -3.86 -4.08
N GLU A 19 -7.12 -2.96 -3.13
CA GLU A 19 -8.49 -2.49 -2.89
C GLU A 19 -8.88 -1.45 -3.93
N HIS A 20 -7.89 -0.74 -4.47
CA HIS A 20 -8.14 0.29 -5.47
C HIS A 20 -8.58 -0.33 -6.79
N SER A 21 -8.00 -1.49 -7.12
CA SER A 21 -8.32 -2.19 -8.36
C SER A 21 -9.58 -3.04 -8.19
N ARG A 22 -9.75 -3.59 -7.00
CA ARG A 22 -10.91 -4.43 -6.71
C ARG A 22 -12.21 -3.68 -6.97
N ARG A 23 -12.24 -2.41 -6.57
CA ARG A 23 -13.42 -1.57 -6.76
C ARG A 23 -13.80 -1.49 -8.24
N PHE A 24 -12.79 -1.62 -9.10
CA PHE A 24 -13.01 -1.55 -10.55
C PHE A 24 -13.48 -2.90 -11.08
N THR A 25 -12.90 -3.98 -10.56
CA THR A 25 -13.26 -5.32 -11.00
C THR A 25 -14.44 -5.85 -10.19
N GLN A 1 8.16 7.60 11.66
CA GLN A 1 9.52 7.17 11.33
C GLN A 1 9.72 7.10 9.82
N ARG A 2 10.77 7.73 9.33
CA ARG A 2 11.07 7.74 7.90
C ARG A 2 11.68 6.41 7.47
N SER A 3 12.58 5.88 8.29
CA SER A 3 13.25 4.62 7.99
C SER A 3 12.22 3.49 7.84
N ASN A 4 11.21 3.50 8.70
CA ASN A 4 10.17 2.49 8.67
C ASN A 4 9.12 2.81 7.60
N PHE A 5 9.10 4.07 7.18
CA PHE A 5 8.15 4.50 6.16
C PHE A 5 8.44 3.83 4.81
N HIS A 6 9.73 3.69 4.50
CA HIS A 6 10.14 3.06 3.26
C HIS A 6 9.57 1.65 3.14
N PRO A 7 9.87 0.81 4.13
CA PRO A 7 9.40 -0.58 4.17
C PRO A 7 7.90 -0.68 4.40
N LEU A 8 7.34 0.34 5.02
CA LEU A 8 5.90 0.39 5.31
C LEU A 8 5.11 0.83 4.09
N ALA A 9 5.78 1.55 3.19
CA ALA A 9 5.13 2.03 1.97
C ALA A 9 4.60 0.87 1.14
N ALA A 10 5.39 -0.19 1.04
CA ALA A 10 5.00 -1.37 0.27
C ALA A 10 3.75 -2.02 0.86
N SER A 11 3.73 -2.14 2.18
CA SER A 11 2.59 -2.75 2.87
C SER A 11 1.32 -1.93 2.67
N PHE A 12 1.46 -0.61 2.83
CA PHE A 12 0.32 0.30 2.66
C PHE A 12 -0.08 0.40 1.20
N ILE A 13 0.88 0.19 0.30
CA ILE A 13 0.63 0.27 -1.13
C ILE A 13 -0.11 -0.97 -1.62
N VAL A 14 0.30 -2.13 -1.11
CA VAL A 14 -0.33 -3.39 -1.50
C VAL A 14 -1.74 -3.52 -0.93
N ARG A 15 -2.00 -2.75 0.12
CA ARG A 15 -3.31 -2.76 0.76
C ARG A 15 -4.31 -1.89 0.00
N CYS A 16 -3.83 -0.75 -0.48
CA CYS A 16 -4.67 0.17 -1.23
C CYS A 16 -4.73 -0.21 -2.71
N ALA A 17 -3.61 -0.72 -3.22
CA ALA A 17 -3.53 -1.12 -4.62
C ALA A 17 -4.51 -2.25 -4.92
N PHE A 18 -4.65 -3.17 -3.97
CA PHE A 18 -5.56 -4.31 -4.14
C PHE A 18 -7.01 -3.85 -4.01
N GLU A 19 -7.27 -2.94 -3.09
CA GLU A 19 -8.61 -2.43 -2.87
C GLU A 19 -8.99 -1.40 -3.93
N HIS A 20 -7.99 -0.73 -4.49
CA HIS A 20 -8.21 0.27 -5.52
C HIS A 20 -8.66 -0.39 -6.83
N SER A 21 -8.10 -1.55 -7.12
CA SER A 21 -8.43 -2.28 -8.34
C SER A 21 -9.71 -3.10 -8.15
N ARG A 22 -9.90 -3.62 -6.94
CA ARG A 22 -11.07 -4.43 -6.63
C ARG A 22 -12.36 -3.65 -6.92
N ARG A 23 -12.36 -2.37 -6.55
CA ARG A 23 -13.53 -1.52 -6.76
C ARG A 23 -13.89 -1.48 -8.24
N PHE A 24 -12.89 -1.64 -9.10
CA PHE A 24 -13.11 -1.62 -10.55
C PHE A 24 -13.60 -2.97 -11.05
N THR A 25 -13.04 -4.04 -10.50
CA THR A 25 -13.42 -5.39 -10.88
C THR A 25 -14.62 -5.88 -10.08
N GLN A 1 8.51 8.21 11.36
CA GLN A 1 9.74 7.47 11.05
C GLN A 1 9.94 7.33 9.55
N ARG A 2 11.01 7.92 9.05
CA ARG A 2 11.32 7.87 7.63
C ARG A 2 11.91 6.52 7.25
N SER A 3 12.78 6.00 8.09
CA SER A 3 13.43 4.71 7.84
C SER A 3 12.38 3.60 7.72
N ASN A 4 11.36 3.67 8.57
CA ASN A 4 10.29 2.67 8.57
C ASN A 4 9.27 2.98 7.47
N PHE A 5 9.27 4.22 7.02
CA PHE A 5 8.34 4.64 5.96
C PHE A 5 8.63 3.92 4.65
N HIS A 6 9.91 3.73 4.36
CA HIS A 6 10.33 3.05 3.13
C HIS A 6 9.73 1.65 3.06
N PRO A 7 10.00 0.84 4.09
CA PRO A 7 9.50 -0.54 4.16
C PRO A 7 8.00 -0.59 4.40
N LEU A 8 7.45 0.48 4.97
CA LEU A 8 6.02 0.55 5.25
C LEU A 8 5.24 0.96 4.00
N ALA A 9 5.93 1.65 3.09
CA ALA A 9 5.30 2.09 1.84
C ALA A 9 4.75 0.92 1.05
N ALA A 10 5.52 -0.16 0.99
CA ALA A 10 5.11 -1.36 0.26
C ALA A 10 3.85 -1.96 0.86
N SER A 11 3.81 -2.04 2.19
CA SER A 11 2.65 -2.60 2.89
C SER A 11 1.41 -1.76 2.64
N PHE A 12 1.57 -0.44 2.76
CA PHE A 12 0.45 0.48 2.55
C PHE A 12 0.07 0.55 1.08
N ILE A 13 1.02 0.29 0.21
CA ILE A 13 0.79 0.32 -1.23
C ILE A 13 0.04 -0.92 -1.69
N VAL A 14 0.41 -2.07 -1.13
CA VAL A 14 -0.24 -3.33 -1.48
C VAL A 14 -1.65 -3.40 -0.92
N ARG A 15 -1.92 -2.59 0.10
CA ARG A 15 -3.24 -2.56 0.73
C ARG A 15 -4.20 -1.69 -0.08
N CYS A 16 -3.69 -0.58 -0.59
CA CYS A 16 -4.51 0.35 -1.38
C CYS A 16 -4.56 -0.09 -2.84
N ALA A 17 -3.45 -0.64 -3.33
CA ALA A 17 -3.37 -1.10 -4.71
C ALA A 17 -4.37 -2.21 -4.98
N PHE A 18 -4.54 -3.10 -3.99
CA PHE A 18 -5.47 -4.21 -4.13
C PHE A 18 -6.91 -3.73 -4.03
N GLU A 19 -7.15 -2.78 -3.14
CA GLU A 19 -8.49 -2.24 -2.93
C GLU A 19 -8.84 -1.24 -4.04
N HIS A 20 -7.82 -0.62 -4.61
CA HIS A 20 -8.03 0.36 -5.68
C HIS A 20 -8.49 -0.33 -6.96
N SER A 21 -7.96 -1.53 -7.21
CA SER A 21 -8.32 -2.28 -8.40
C SER A 21 -9.60 -3.09 -8.18
N ARG A 22 -9.80 -3.54 -6.95
CA ARG A 22 -10.98 -4.32 -6.60
C ARG A 22 -12.25 -3.56 -6.96
N ARG A 23 -12.27 -2.26 -6.66
CA ARG A 23 -13.42 -1.42 -6.95
C ARG A 23 -13.76 -1.46 -8.44
N PHE A 24 -12.74 -1.67 -9.27
CA PHE A 24 -12.93 -1.72 -10.72
C PHE A 24 -13.41 -3.11 -11.15
N THR A 25 -12.86 -4.14 -10.52
CA THR A 25 -13.24 -5.52 -10.84
C THR A 25 -14.45 -5.96 -10.03
N GLN A 1 8.58 7.26 11.54
CA GLN A 1 10.00 7.13 11.20
C GLN A 1 10.18 7.01 9.70
N ARG A 2 11.26 7.59 9.18
CA ARG A 2 11.55 7.54 7.75
C ARG A 2 12.11 6.17 7.35
N SER A 3 12.99 5.63 8.18
CA SER A 3 13.60 4.33 7.91
C SER A 3 12.53 3.25 7.79
N ASN A 4 11.52 3.33 8.66
CA ASN A 4 10.43 2.35 8.66
C ASN A 4 9.40 2.68 7.58
N PHE A 5 9.42 3.93 7.13
CA PHE A 5 8.48 4.38 6.10
C PHE A 5 8.75 3.67 4.78
N HIS A 6 10.01 3.46 4.46
CA HIS A 6 10.40 2.79 3.23
C HIS A 6 9.77 1.40 3.15
N PRO A 7 10.05 0.57 4.17
CA PRO A 7 9.52 -0.80 4.23
C PRO A 7 8.01 -0.83 4.48
N LEU A 8 7.50 0.24 5.09
CA LEU A 8 6.07 0.34 5.38
C LEU A 8 5.28 0.79 4.14
N ALA A 9 5.97 1.46 3.23
CA ALA A 9 5.35 1.94 2.00
C ALA A 9 4.76 0.78 1.19
N ALA A 10 5.51 -0.32 1.12
CA ALA A 10 5.07 -1.50 0.39
C ALA A 10 3.80 -2.08 1.00
N SER A 11 3.77 -2.17 2.32
CA SER A 11 2.61 -2.71 3.02
C SER A 11 1.38 -1.84 2.81
N PHE A 12 1.56 -0.52 2.93
CA PHE A 12 0.47 0.42 2.75
C PHE A 12 0.07 0.51 1.28
N ILE A 13 1.01 0.23 0.39
CA ILE A 13 0.76 0.28 -1.04
C ILE A 13 -0.03 -0.94 -1.50
N VAL A 14 0.32 -2.10 -0.96
CA VAL A 14 -0.35 -3.35 -1.30
C VAL A 14 -1.76 -3.39 -0.73
N ARG A 15 -1.99 -2.58 0.30
CA ARG A 15 -3.30 -2.53 0.95
C ARG A 15 -4.25 -1.63 0.16
N CYS A 16 -3.74 -0.52 -0.35
CA CYS A 16 -4.54 0.41 -1.12
C CYS A 16 -4.62 0.00 -2.59
N ALA A 17 -3.52 -0.57 -3.10
CA ALA A 17 -3.46 -1.02 -4.48
C ALA A 17 -4.50 -2.10 -4.75
N PHE A 18 -4.68 -3.00 -3.78
CA PHE A 18 -5.64 -4.08 -3.91
C PHE A 18 -7.07 -3.58 -3.77
N GLU A 19 -7.27 -2.64 -2.86
CA GLU A 19 -8.59 -2.07 -2.62
C GLU A 19 -8.95 -1.07 -3.71
N HIS A 20 -7.93 -0.45 -4.30
CA HIS A 20 -8.14 0.53 -5.36
C HIS A 20 -8.61 -0.15 -6.65
N SER A 21 -8.12 -1.35 -6.90
CA SER A 21 -8.49 -2.10 -8.09
C SER A 21 -9.81 -2.84 -7.88
N ARG A 22 -10.02 -3.32 -6.65
CA ARG A 22 -11.23 -4.05 -6.32
C ARG A 22 -12.47 -3.19 -6.60
N ARG A 23 -12.39 -1.91 -6.23
CA ARG A 23 -13.49 -0.98 -6.43
C ARG A 23 -13.88 -0.90 -7.91
N PHE A 24 -12.91 -1.16 -8.77
CA PHE A 24 -13.14 -1.11 -10.21
C PHE A 24 -13.75 -2.42 -10.71
N THR A 25 -13.28 -3.53 -10.17
CA THR A 25 -13.77 -4.85 -10.55
C THR A 25 -15.00 -5.23 -9.72
N GLN A 1 10.94 7.87 11.92
CA GLN A 1 9.96 6.95 11.32
C GLN A 1 10.13 6.90 9.81
N ARG A 2 11.18 7.55 9.30
CA ARG A 2 11.45 7.59 7.88
C ARG A 2 12.05 6.26 7.40
N SER A 3 12.97 5.71 8.19
CA SER A 3 13.62 4.46 7.86
C SER A 3 12.59 3.34 7.71
N ASN A 4 11.60 3.33 8.59
CA ASN A 4 10.55 2.32 8.56
C ASN A 4 9.49 2.66 7.52
N PHE A 5 9.46 3.93 7.11
CA PHE A 5 8.49 4.38 6.12
C PHE A 5 8.76 3.74 4.76
N HIS A 6 10.03 3.60 4.42
CA HIS A 6 10.41 3.00 3.15
C HIS A 6 9.84 1.59 3.02
N PRO A 7 10.17 0.73 3.99
CA PRO A 7 9.69 -0.66 4.00
C PRO A 7 8.19 -0.76 4.27
N LEU A 8 7.65 0.26 4.92
CA LEU A 8 6.22 0.29 5.24
C LEU A 8 5.40 0.75 4.04
N ALA A 9 6.05 1.50 3.15
CA ALA A 9 5.39 2.00 1.95
C ALA A 9 4.83 0.86 1.11
N ALA A 10 5.62 -0.20 0.96
CA ALA A 10 5.21 -1.36 0.18
C ALA A 10 3.98 -2.02 0.78
N SER A 11 3.97 -2.17 2.09
CA SER A 11 2.85 -2.79 2.80
C SER A 11 1.59 -1.95 2.64
N PHE A 12 1.72 -0.65 2.82
CA PHE A 12 0.58 0.26 2.70
C PHE A 12 0.16 0.40 1.24
N ILE A 13 1.11 0.20 0.33
CA ILE A 13 0.82 0.30 -1.11
C ILE A 13 0.08 -0.92 -1.60
N VAL A 14 0.49 -2.09 -1.13
CA VAL A 14 -0.14 -3.35 -1.53
C VAL A 14 -1.55 -3.47 -0.93
N ARG A 15 -1.80 -2.73 0.14
CA ARG A 15 -3.10 -2.76 0.81
C ARG A 15 -4.10 -1.86 0.07
N CYS A 16 -3.62 -0.72 -0.39
CA CYS A 16 -4.48 0.23 -1.10
C CYS A 16 -4.56 -0.13 -2.59
N ALA A 17 -3.46 -0.63 -3.13
CA ALA A 17 -3.40 -1.00 -4.53
C ALA A 17 -4.39 -2.12 -4.84
N PHE A 18 -4.52 -3.06 -3.91
CA PHE A 18 -5.42 -4.19 -4.08
C PHE A 18 -6.88 -3.75 -3.91
N GLU A 19 -7.12 -2.84 -2.97
CA GLU A 19 -8.46 -2.33 -2.71
C GLU A 19 -8.85 -1.30 -3.75
N HIS A 20 -7.86 -0.61 -4.32
CA HIS A 20 -8.10 0.41 -5.31
C HIS A 20 -8.57 -0.21 -6.63
N SER A 21 -8.03 -1.37 -6.95
CA SER A 21 -8.39 -2.07 -8.18
C SER A 21 -9.65 -2.90 -7.98
N ARG A 22 -9.82 -3.45 -6.78
CA ARG A 22 -10.99 -4.26 -6.47
C ARG A 22 -12.28 -3.47 -6.71
N ARG A 23 -12.27 -2.21 -6.31
CA ARG A 23 -13.44 -1.35 -6.49
C ARG A 23 -13.84 -1.27 -7.96
N PHE A 24 -12.86 -1.42 -8.85
CA PHE A 24 -13.10 -1.36 -10.29
C PHE A 24 -13.60 -2.70 -10.80
N THR A 25 -13.04 -3.79 -10.29
CA THR A 25 -13.43 -5.13 -10.70
C THR A 25 -14.61 -5.63 -9.89
N GLN A 1 8.34 7.72 11.64
CA GLN A 1 9.71 7.32 11.29
C GLN A 1 9.88 7.22 9.78
N ARG A 2 10.94 7.84 9.28
CA ARG A 2 11.22 7.81 7.84
C ARG A 2 11.80 6.47 7.42
N SER A 3 12.71 5.94 8.23
CA SER A 3 13.34 4.67 7.94
C SER A 3 12.30 3.55 7.81
N ASN A 4 11.30 3.58 8.69
CA ASN A 4 10.24 2.58 8.68
C ASN A 4 9.20 2.91 7.62
N PHE A 5 9.17 4.17 7.18
CA PHE A 5 8.21 4.60 6.17
C PHE A 5 8.49 3.91 4.83
N HIS A 6 9.77 3.75 4.50
CA HIS A 6 10.15 3.10 3.26
C HIS A 6 9.55 1.69 3.17
N PRO A 7 9.86 0.85 4.17
CA PRO A 7 9.36 -0.52 4.23
C PRO A 7 7.87 -0.60 4.48
N LEU A 8 7.33 0.46 5.10
CA LEU A 8 5.91 0.51 5.40
C LEU A 8 5.11 0.94 4.19
N ALA A 9 5.76 1.66 3.28
CA ALA A 9 5.10 2.13 2.07
C ALA A 9 4.58 0.97 1.24
N ALA A 10 5.37 -0.10 1.14
CA ALA A 10 4.99 -1.27 0.37
C ALA A 10 3.75 -1.93 0.97
N SER A 11 3.73 -2.05 2.29
CA SER A 11 2.60 -2.67 2.98
C SER A 11 1.32 -1.85 2.77
N PHE A 12 1.43 -0.54 2.93
CA PHE A 12 0.29 0.34 2.76
C PHE A 12 -0.10 0.45 1.29
N ILE A 13 0.87 0.24 0.41
CA ILE A 13 0.62 0.30 -1.03
C ILE A 13 -0.10 -0.94 -1.52
N VAL A 14 0.30 -2.10 -1.00
CA VAL A 14 -0.31 -3.36 -1.39
C VAL A 14 -1.72 -3.49 -0.82
N ARG A 15 -2.00 -2.72 0.22
CA ARG A 15 -3.31 -2.74 0.86
C ARG A 15 -4.30 -1.88 0.09
N CYS A 16 -3.83 -0.73 -0.40
CA CYS A 16 -4.68 0.19 -1.16
C CYS A 16 -4.73 -0.21 -2.62
N ALA A 17 -3.60 -0.71 -3.13
CA ALA A 17 -3.51 -1.12 -4.53
C ALA A 17 -4.49 -2.26 -4.83
N PHE A 18 -4.64 -3.17 -3.89
CA PHE A 18 -5.53 -4.30 -4.04
C PHE A 18 -6.99 -3.87 -3.91
N GLU A 19 -7.24 -2.97 -2.97
CA GLU A 19 -8.59 -2.47 -2.74
C GLU A 19 -9.00 -1.46 -3.81
N HIS A 20 -7.99 -0.78 -4.38
CA HIS A 20 -8.25 0.21 -5.42
C HIS A 20 -8.68 -0.46 -6.72
N SER A 21 -8.12 -1.64 -6.99
CA SER A 21 -8.44 -2.38 -8.20
C SER A 21 -9.73 -3.18 -8.02
N ARG A 22 -9.93 -3.70 -6.81
CA ARG A 22 -11.11 -4.49 -6.51
C ARG A 22 -12.38 -3.69 -6.77
N ARG A 23 -12.37 -2.42 -6.37
CA ARG A 23 -13.52 -1.55 -6.55
C ARG A 23 -13.90 -1.46 -8.03
N PHE A 24 -12.91 -1.64 -8.90
CA PHE A 24 -13.14 -1.58 -10.34
C PHE A 24 -13.68 -2.90 -10.87
N THR A 25 -13.15 -4.00 -10.34
CA THR A 25 -13.57 -5.33 -10.76
C THR A 25 -14.78 -5.80 -9.95
N GLN A 1 10.71 7.94 12.04
CA GLN A 1 9.75 7.02 11.43
C GLN A 1 9.96 6.96 9.91
N ARG A 2 11.02 7.60 9.43
CA ARG A 2 11.32 7.61 8.01
C ARG A 2 11.92 6.28 7.57
N SER A 3 12.81 5.74 8.38
CA SER A 3 13.46 4.47 8.08
C SER A 3 12.43 3.36 7.91
N ASN A 4 11.42 3.37 8.78
CA ASN A 4 10.36 2.36 8.73
C ASN A 4 9.33 2.70 7.66
N PHE A 5 9.31 3.96 7.25
CA PHE A 5 8.36 4.41 6.23
C PHE A 5 8.66 3.75 4.89
N HIS A 6 9.93 3.60 4.58
CA HIS A 6 10.35 2.99 3.32
C HIS A 6 9.76 1.58 3.19
N PRO A 7 10.06 0.72 4.17
CA PRO A 7 9.57 -0.66 4.20
C PRO A 7 8.07 -0.74 4.44
N LEU A 8 7.51 0.29 5.06
CA LEU A 8 6.09 0.33 5.35
C LEU A 8 5.30 0.78 4.13
N ALA A 9 5.96 1.51 3.24
CA ALA A 9 5.33 2.01 2.02
C ALA A 9 4.79 0.86 1.18
N ALA A 10 5.57 -0.21 1.07
CA ALA A 10 5.17 -1.37 0.29
C ALA A 10 3.91 -2.01 0.87
N SER A 11 3.88 -2.16 2.19
CA SER A 11 2.75 -2.76 2.88
C SER A 11 1.49 -1.92 2.67
N PHE A 12 1.64 -0.61 2.85
CA PHE A 12 0.50 0.31 2.69
C PHE A 12 0.11 0.43 1.23
N ILE A 13 1.07 0.22 0.34
CA ILE A 13 0.82 0.31 -1.10
C ILE A 13 0.08 -0.92 -1.60
N VAL A 14 0.47 -2.10 -1.10
CA VAL A 14 -0.17 -3.34 -1.50
C VAL A 14 -1.58 -3.45 -0.93
N ARG A 15 -1.84 -2.69 0.12
CA ARG A 15 -3.16 -2.70 0.77
C ARG A 15 -4.13 -1.81 0.00
N CYS A 16 -3.65 -0.67 -0.47
CA CYS A 16 -4.48 0.27 -1.21
C CYS A 16 -4.54 -0.10 -2.69
N ALA A 17 -3.42 -0.62 -3.20
CA ALA A 17 -3.34 -1.01 -4.60
C ALA A 17 -4.34 -2.12 -4.92
N PHE A 18 -4.49 -3.05 -3.99
CA PHE A 18 -5.41 -4.17 -4.16
C PHE A 18 -6.86 -3.71 -4.02
N GLU A 19 -7.09 -2.81 -3.07
CA GLU A 19 -8.44 -2.29 -2.83
C GLU A 19 -8.82 -1.25 -3.88
N HIS A 20 -7.82 -0.60 -4.45
CA HIS A 20 -8.05 0.41 -5.47
C HIS A 20 -8.50 -0.23 -6.78
N SER A 21 -7.96 -1.41 -7.07
CA SER A 21 -8.29 -2.13 -8.28
C SER A 21 -9.59 -2.92 -8.11
N ARG A 22 -9.80 -3.45 -6.92
CA ARG A 22 -11.00 -4.22 -6.62
C ARG A 22 -12.26 -3.40 -6.87
N ARG A 23 -12.22 -2.13 -6.45
CA ARG A 23 -13.35 -1.23 -6.63
C ARG A 23 -13.72 -1.11 -8.10
N PHE A 24 -12.74 -1.33 -8.98
CA PHE A 24 -12.97 -1.23 -10.41
C PHE A 24 -13.57 -2.53 -10.95
N THR A 25 -13.12 -3.66 -10.42
CA THR A 25 -13.62 -4.96 -10.86
C THR A 25 -15.14 -4.98 -10.85
N GLN A 1 8.43 7.58 11.68
CA GLN A 1 9.78 7.17 11.32
C GLN A 1 9.95 7.09 9.80
N ARG A 2 11.01 7.72 9.29
CA ARG A 2 11.28 7.72 7.86
C ARG A 2 11.87 6.39 7.42
N SER A 3 12.78 5.85 8.22
CA SER A 3 13.41 4.57 7.90
C SER A 3 12.37 3.46 7.77
N ASN A 4 11.38 3.48 8.65
CA ASN A 4 10.33 2.48 8.63
C ASN A 4 9.27 2.82 7.58
N PHE A 5 9.24 4.08 7.16
CA PHE A 5 8.29 4.53 6.16
C PHE A 5 8.55 3.86 4.81
N HIS A 6 9.82 3.69 4.48
CA HIS A 6 10.21 3.07 3.22
C HIS A 6 9.62 1.67 3.11
N PRO A 7 9.92 0.81 4.10
CA PRO A 7 9.44 -0.57 4.13
C PRO A 7 7.95 -0.64 4.40
N LEU A 8 7.40 0.40 5.03
CA LEU A 8 5.98 0.44 5.34
C LEU A 8 5.17 0.89 4.13
N ALA A 9 5.82 1.63 3.23
CA ALA A 9 5.16 2.11 2.03
C ALA A 9 4.63 0.96 1.18
N ALA A 10 5.43 -0.10 1.07
CA ALA A 10 5.04 -1.26 0.29
C ALA A 10 3.81 -1.94 0.88
N SER A 11 3.80 -2.08 2.20
CA SER A 11 2.67 -2.71 2.89
C SER A 11 1.39 -1.90 2.70
N PHE A 12 1.50 -0.58 2.87
CA PHE A 12 0.36 0.31 2.72
C PHE A 12 -0.05 0.42 1.25
N ILE A 13 0.91 0.24 0.36
CA ILE A 13 0.66 0.32 -1.07
C ILE A 13 -0.06 -0.92 -1.58
N VAL A 14 0.35 -2.08 -1.08
CA VAL A 14 -0.25 -3.35 -1.48
C VAL A 14 -1.66 -3.48 -0.91
N ARG A 15 -1.94 -2.73 0.16
CA ARG A 15 -3.25 -2.76 0.79
C ARG A 15 -4.25 -1.89 0.03
N CYS A 16 -3.78 -0.74 -0.44
CA CYS A 16 -4.63 0.18 -1.17
C CYS A 16 -4.68 -0.18 -2.66
N ALA A 17 -3.56 -0.67 -3.17
CA ALA A 17 -3.48 -1.07 -4.58
C ALA A 17 -4.45 -2.20 -4.88
N PHE A 18 -4.59 -3.13 -3.94
CA PHE A 18 -5.48 -4.28 -4.12
C PHE A 18 -6.94 -3.85 -3.98
N GLU A 19 -7.19 -2.94 -3.06
CA GLU A 19 -8.55 -2.44 -2.82
C GLU A 19 -8.94 -1.41 -3.89
N HIS A 20 -7.94 -0.72 -4.44
CA HIS A 20 -8.19 0.28 -5.45
C HIS A 20 -8.62 -0.35 -6.77
N SER A 21 -8.05 -1.52 -7.07
CA SER A 21 -8.38 -2.23 -8.29
C SER A 21 -9.64 -3.07 -8.12
N ARG A 22 -9.83 -3.61 -6.91
CA ARG A 22 -10.99 -4.43 -6.61
C ARG A 22 -12.28 -3.67 -6.89
N ARG A 23 -12.30 -2.39 -6.50
CA ARG A 23 -13.47 -1.55 -6.71
C ARG A 23 -13.85 -1.49 -8.19
N PHE A 24 -12.85 -1.64 -9.05
CA PHE A 24 -13.06 -1.60 -10.49
C PHE A 24 -13.55 -2.95 -11.01
N THR A 25 -12.98 -4.03 -10.47
CA THR A 25 -13.35 -5.37 -10.88
C THR A 25 -14.54 -5.88 -10.06
N GLN A 1 8.43 7.55 11.73
CA GLN A 1 9.79 7.20 11.37
C GLN A 1 9.95 7.14 9.86
N ARG A 2 11.00 7.77 9.35
CA ARG A 2 11.27 7.80 7.92
C ARG A 2 11.86 6.47 7.46
N SER A 3 12.79 5.93 8.25
CA SER A 3 13.43 4.65 7.93
C SER A 3 12.41 3.54 7.79
N ASN A 4 11.41 3.55 8.66
CA ASN A 4 10.36 2.54 8.65
C ASN A 4 9.30 2.88 7.61
N PHE A 5 9.26 4.14 7.19
CA PHE A 5 8.29 4.60 6.20
C PHE A 5 8.55 3.94 4.85
N HIS A 6 9.83 3.79 4.51
CA HIS A 6 10.22 3.17 3.24
C HIS A 6 9.65 1.76 3.12
N PRO A 7 9.96 0.91 4.10
CA PRO A 7 9.49 -0.48 4.13
C PRO A 7 7.99 -0.58 4.40
N LEU A 8 7.44 0.46 5.04
CA LEU A 8 6.02 0.50 5.36
C LEU A 8 5.20 0.95 4.15
N ALA A 9 5.84 1.69 3.25
CA ALA A 9 5.18 2.18 2.06
C ALA A 9 4.65 1.03 1.20
N ALA A 10 5.46 -0.01 1.08
CA ALA A 10 5.08 -1.19 0.29
C ALA A 10 3.85 -1.87 0.88
N SER A 11 3.84 -2.02 2.20
CA SER A 11 2.73 -2.67 2.89
C SER A 11 1.44 -1.86 2.71
N PHE A 12 1.54 -0.54 2.90
CA PHE A 12 0.39 0.34 2.75
C PHE A 12 -0.02 0.46 1.29
N ILE A 13 0.94 0.29 0.40
CA ILE A 13 0.68 0.39 -1.04
C ILE A 13 -0.04 -0.87 -1.55
N VAL A 14 0.39 -2.02 -1.06
CA VAL A 14 -0.21 -3.28 -1.47
C VAL A 14 -1.61 -3.44 -0.89
N ARG A 15 -1.90 -2.70 0.18
CA ARG A 15 -3.20 -2.75 0.82
C ARG A 15 -4.20 -1.88 0.07
N CYS A 16 -3.75 -0.72 -0.39
CA CYS A 16 -4.62 0.20 -1.12
C CYS A 16 -4.67 -0.15 -2.60
N ALA A 17 -3.55 -0.63 -3.13
CA ALA A 17 -3.47 -1.01 -4.53
C ALA A 17 -4.42 -2.15 -4.85
N PHE A 18 -4.55 -3.09 -3.92
CA PHE A 18 -5.44 -4.23 -4.10
C PHE A 18 -6.90 -3.82 -3.96
N GLU A 19 -7.16 -2.92 -3.02
CA GLU A 19 -8.52 -2.44 -2.78
C GLU A 19 -8.92 -1.39 -3.82
N HIS A 20 -7.92 -0.71 -4.37
CA HIS A 20 -8.18 0.32 -5.38
C HIS A 20 -8.62 -0.32 -6.70
N SER A 21 -8.05 -1.48 -7.02
CA SER A 21 -8.37 -2.18 -8.25
C SER A 21 -9.63 -3.03 -8.07
N ARG A 22 -9.80 -3.59 -6.87
CA ARG A 22 -10.96 -4.41 -6.57
C ARG A 22 -12.26 -3.66 -6.84
N ARG A 23 -12.29 -2.39 -6.45
CA ARG A 23 -13.47 -1.55 -6.63
C ARG A 23 -13.84 -1.49 -8.12
N PHE A 24 -12.85 -1.62 -8.98
CA PHE A 24 -13.07 -1.57 -10.42
C PHE A 24 -13.55 -2.92 -10.95
N THR A 25 -12.96 -4.00 -10.42
CA THR A 25 -13.32 -5.35 -10.83
C THR A 25 -14.50 -5.86 -10.03
N GLN A 1 8.38 7.45 11.86
CA GLN A 1 9.76 7.18 11.49
C GLN A 1 9.92 7.14 9.97
N ARG A 2 10.96 7.79 9.47
CA ARG A 2 11.22 7.83 8.04
C ARG A 2 11.83 6.52 7.56
N SER A 3 12.76 5.99 8.34
CA SER A 3 13.43 4.73 7.99
C SER A 3 12.41 3.60 7.84
N ASN A 4 11.42 3.58 8.73
CA ASN A 4 10.39 2.56 8.70
C ASN A 4 9.31 2.89 7.66
N PHE A 5 9.26 4.16 7.27
CA PHE A 5 8.29 4.61 6.28
C PHE A 5 8.55 3.98 4.92
N HIS A 6 9.82 3.85 4.57
CA HIS A 6 10.22 3.27 3.30
C HIS A 6 9.66 1.85 3.15
N PRO A 7 9.99 0.99 4.12
CA PRO A 7 9.53 -0.41 4.13
C PRO A 7 8.04 -0.52 4.41
N LEU A 8 7.48 0.49 5.07
CA LEU A 8 6.06 0.50 5.40
C LEU A 8 5.23 0.96 4.20
N ALA A 9 5.86 1.72 3.31
CA ALA A 9 5.18 2.22 2.13
C ALA A 9 4.67 1.07 1.26
N ALA A 10 5.49 0.04 1.12
CA ALA A 10 5.12 -1.12 0.31
C ALA A 10 3.91 -1.83 0.89
N SER A 11 3.90 -2.00 2.21
CA SER A 11 2.80 -2.67 2.90
C SER A 11 1.51 -1.89 2.73
N PHE A 12 1.59 -0.57 2.94
CA PHE A 12 0.42 0.29 2.81
C PHE A 12 0.00 0.43 1.35
N ILE A 13 0.96 0.29 0.45
CA ILE A 13 0.70 0.40 -0.98
C ILE A 13 0.00 -0.85 -1.51
N VAL A 14 0.44 -2.01 -1.04
CA VAL A 14 -0.15 -3.27 -1.46
C VAL A 14 -1.54 -3.46 -0.88
N ARG A 15 -1.83 -2.74 0.19
CA ARG A 15 -3.13 -2.81 0.84
C ARG A 15 -4.16 -1.95 0.12
N CYS A 16 -3.72 -0.78 -0.34
CA CYS A 16 -4.59 0.14 -1.04
C CYS A 16 -4.65 -0.18 -2.53
N ALA A 17 -3.52 -0.64 -3.07
CA ALA A 17 -3.45 -1.00 -4.48
C ALA A 17 -4.39 -2.16 -4.81
N PHE A 18 -4.50 -3.10 -3.89
CA PHE A 18 -5.36 -4.26 -4.09
C PHE A 18 -6.83 -3.87 -3.93
N GLU A 19 -7.11 -2.98 -2.98
CA GLU A 19 -8.47 -2.53 -2.73
C GLU A 19 -8.89 -1.49 -3.75
N HIS A 20 -7.91 -0.77 -4.29
CA HIS A 20 -8.18 0.27 -5.29
C HIS A 20 -8.62 -0.36 -6.61
N SER A 21 -8.02 -1.51 -6.95
CA SER A 21 -8.35 -2.19 -8.19
C SER A 21 -9.59 -3.07 -8.01
N ARG A 22 -9.75 -3.63 -6.83
CA ARG A 22 -10.90 -4.48 -6.53
C ARG A 22 -12.20 -3.74 -6.78
N ARG A 23 -12.25 -2.48 -6.37
CA ARG A 23 -13.45 -1.66 -6.54
C ARG A 23 -13.84 -1.58 -8.02
N PHE A 24 -12.84 -1.68 -8.89
CA PHE A 24 -13.07 -1.62 -10.33
C PHE A 24 -13.53 -2.97 -10.87
N THR A 25 -12.92 -4.04 -10.36
CA THR A 25 -13.27 -5.39 -10.80
C THR A 25 -14.44 -5.94 -10.00
N GLN A 1 11.14 7.90 11.89
CA GLN A 1 10.15 7.00 11.31
C GLN A 1 10.28 6.96 9.80
N ARG A 2 11.33 7.60 9.27
CA ARG A 2 11.56 7.64 7.84
C ARG A 2 12.15 6.32 7.35
N SER A 3 13.08 5.77 8.11
CA SER A 3 13.73 4.52 7.75
C SER A 3 12.69 3.40 7.62
N ASN A 4 11.72 3.39 8.52
CA ASN A 4 10.67 2.38 8.50
C ASN A 4 9.59 2.72 7.49
N PHE A 5 9.54 4.00 7.10
CA PHE A 5 8.55 4.46 6.13
C PHE A 5 8.78 3.82 4.77
N HIS A 6 10.06 3.69 4.39
CA HIS A 6 10.42 3.09 3.11
C HIS A 6 9.84 1.68 2.98
N PRO A 7 10.17 0.81 3.94
CA PRO A 7 9.70 -0.58 3.96
C PRO A 7 8.21 -0.67 4.27
N LEU A 8 7.68 0.35 4.93
CA LEU A 8 6.26 0.37 5.28
C LEU A 8 5.42 0.84 4.10
N ALA A 9 6.04 1.60 3.20
CA ALA A 9 5.34 2.11 2.02
C ALA A 9 4.81 0.97 1.17
N ALA A 10 5.61 -0.07 1.01
CA ALA A 10 5.21 -1.23 0.22
C ALA A 10 4.00 -1.93 0.82
N SER A 11 4.02 -2.10 2.14
CA SER A 11 2.92 -2.75 2.84
C SER A 11 1.63 -1.95 2.70
N PHE A 12 1.74 -0.64 2.90
CA PHE A 12 0.58 0.25 2.80
C PHE A 12 0.13 0.39 1.34
N ILE A 13 1.08 0.23 0.43
CA ILE A 13 0.78 0.35 -1.00
C ILE A 13 0.06 -0.89 -1.51
N VAL A 14 0.50 -2.06 -1.05
CA VAL A 14 -0.11 -3.32 -1.46
C VAL A 14 -1.50 -3.48 -0.87
N ARG A 15 -1.76 -2.76 0.21
CA ARG A 15 -3.05 -2.82 0.89
C ARG A 15 -4.07 -1.94 0.19
N CYS A 16 -3.63 -0.78 -0.27
CA CYS A 16 -4.51 0.16 -0.96
C CYS A 16 -4.59 -0.17 -2.45
N ALA A 17 -3.48 -0.64 -3.01
CA ALA A 17 -3.43 -1.00 -4.43
C ALA A 17 -4.39 -2.14 -4.74
N PHE A 18 -4.51 -3.09 -3.82
CA PHE A 18 -5.38 -4.23 -4.00
C PHE A 18 -6.84 -3.82 -3.81
N GLU A 19 -7.09 -2.94 -2.86
CA GLU A 19 -8.45 -2.46 -2.59
C GLU A 19 -8.87 -1.42 -3.60
N HIS A 20 -7.89 -0.71 -4.17
CA HIS A 20 -8.16 0.32 -5.16
C HIS A 20 -8.63 -0.29 -6.46
N SER A 21 -8.06 -1.44 -6.82
CA SER A 21 -8.41 -2.13 -8.05
C SER A 21 -9.66 -2.99 -7.85
N ARG A 22 -9.81 -3.54 -6.66
CA ARG A 22 -10.96 -4.39 -6.35
C ARG A 22 -12.26 -3.63 -6.57
N ARG A 23 -12.29 -2.36 -6.16
CA ARG A 23 -13.47 -1.53 -6.32
C ARG A 23 -13.89 -1.44 -7.79
N PHE A 24 -12.90 -1.56 -8.68
CA PHE A 24 -13.15 -1.49 -10.11
C PHE A 24 -13.65 -2.83 -10.65
N THR A 25 -13.06 -3.92 -10.15
CA THR A 25 -13.44 -5.25 -10.57
C THR A 25 -14.60 -5.79 -9.74
N GLN A 1 8.39 7.65 11.58
CA GLN A 1 9.73 7.19 11.27
C GLN A 1 9.93 7.08 9.75
N ARG A 2 11.01 7.67 9.26
CA ARG A 2 11.32 7.64 7.84
C ARG A 2 11.87 6.28 7.42
N SER A 3 12.76 5.74 8.25
CA SER A 3 13.38 4.45 7.97
C SER A 3 12.31 3.36 7.84
N ASN A 4 11.30 3.42 8.70
CA ASN A 4 10.22 2.44 8.67
C ASN A 4 9.19 2.78 7.60
N PHE A 5 9.20 4.03 7.15
CA PHE A 5 8.28 4.49 6.12
C PHE A 5 8.55 3.78 4.80
N HIS A 6 9.83 3.59 4.49
CA HIS A 6 10.23 2.93 3.25
C HIS A 6 9.61 1.54 3.15
N PRO A 7 9.88 0.69 4.16
CA PRO A 7 9.36 -0.67 4.22
C PRO A 7 7.85 -0.71 4.45
N LEU A 8 7.32 0.35 5.06
CA LEU A 8 5.90 0.44 5.34
C LEU A 8 5.12 0.89 4.10
N ALA A 9 5.80 1.59 3.20
CA ALA A 9 5.18 2.06 1.97
C ALA A 9 4.64 0.90 1.14
N ALA A 10 5.42 -0.17 1.06
CA ALA A 10 5.02 -1.34 0.29
C ALA A 10 3.76 -1.98 0.87
N SER A 11 3.72 -2.09 2.19
CA SER A 11 2.57 -2.68 2.87
C SER A 11 1.32 -1.85 2.65
N PHE A 12 1.44 -0.53 2.79
CA PHE A 12 0.32 0.38 2.60
C PHE A 12 -0.05 0.48 1.12
N ILE A 13 0.93 0.25 0.26
CA ILE A 13 0.70 0.32 -1.18
C ILE A 13 -0.04 -0.92 -1.68
N VAL A 14 0.35 -2.08 -1.16
CA VAL A 14 -0.28 -3.34 -1.54
C VAL A 14 -1.70 -3.43 -1.00
N ARG A 15 -1.98 -2.66 0.04
CA ARG A 15 -3.31 -2.65 0.66
C ARG A 15 -4.27 -1.77 -0.13
N CYS A 16 -3.77 -0.64 -0.61
CA CYS A 16 -4.59 0.30 -1.39
C CYS A 16 -4.62 -0.10 -2.86
N ALA A 17 -3.50 -0.63 -3.35
CA ALA A 17 -3.40 -1.04 -4.74
C ALA A 17 -4.39 -2.17 -5.05
N PHE A 18 -4.55 -3.07 -4.10
CA PHE A 18 -5.47 -4.20 -4.27
C PHE A 18 -6.93 -3.73 -4.17
N GLU A 19 -7.18 -2.80 -3.25
CA GLU A 19 -8.53 -2.28 -3.05
C GLU A 19 -8.87 -1.26 -4.14
N HIS A 20 -7.86 -0.61 -4.68
CA HIS A 20 -8.07 0.39 -5.73
C HIS A 20 -8.50 -0.27 -7.03
N SER A 21 -7.96 -1.45 -7.30
CA SER A 21 -8.29 -2.19 -8.52
C SER A 21 -9.57 -3.00 -8.33
N ARG A 22 -9.78 -3.49 -7.11
CA ARG A 22 -10.96 -4.28 -6.80
C ARG A 22 -12.23 -3.53 -7.15
N ARG A 23 -12.26 -2.24 -6.82
CA ARG A 23 -13.42 -1.41 -7.11
C ARG A 23 -13.75 -1.41 -8.59
N PHE A 24 -12.72 -1.59 -9.43
CA PHE A 24 -12.89 -1.61 -10.86
C PHE A 24 -13.36 -2.99 -11.34
N THR A 25 -12.80 -4.03 -10.74
CA THR A 25 -13.15 -5.40 -11.10
C THR A 25 -14.37 -5.88 -10.31
N GLN A 1 10.84 7.96 12.01
CA GLN A 1 9.87 7.05 11.40
C GLN A 1 10.02 7.02 9.88
N ARG A 2 11.06 7.67 9.39
CA ARG A 2 11.32 7.72 7.95
C ARG A 2 11.92 6.40 7.46
N SER A 3 12.85 5.86 8.24
CA SER A 3 13.51 4.60 7.88
C SER A 3 12.48 3.48 7.74
N ASN A 4 11.50 3.47 8.63
CA ASN A 4 10.46 2.45 8.59
C ASN A 4 9.39 2.79 7.56
N PHE A 5 9.34 4.05 7.17
CA PHE A 5 8.36 4.52 6.20
C PHE A 5 8.61 3.89 4.84
N HIS A 6 9.89 3.75 4.48
CA HIS A 6 10.27 3.17 3.20
C HIS A 6 9.70 1.76 3.06
N PRO A 7 10.04 0.88 4.02
CA PRO A 7 9.57 -0.50 4.03
C PRO A 7 8.08 -0.62 4.31
N LEU A 8 7.53 0.40 4.97
CA LEU A 8 6.11 0.42 5.31
C LEU A 8 5.28 0.88 4.12
N ALA A 9 5.90 1.65 3.22
CA ALA A 9 5.22 2.16 2.04
C ALA A 9 4.70 1.02 1.17
N ALA A 10 5.52 -0.02 1.02
CA ALA A 10 5.14 -1.18 0.22
C ALA A 10 3.93 -1.88 0.81
N SER A 11 3.93 -2.06 2.13
CA SER A 11 2.82 -2.73 2.81
C SER A 11 1.53 -1.93 2.66
N PHE A 12 1.62 -0.62 2.86
CA PHE A 12 0.45 0.25 2.74
C PHE A 12 0.04 0.41 1.29
N ILE A 13 0.99 0.26 0.38
CA ILE A 13 0.72 0.37 -1.05
C ILE A 13 0.01 -0.88 -1.58
N VAL A 14 0.45 -2.03 -1.11
CA VAL A 14 -0.15 -3.31 -1.54
C VAL A 14 -1.54 -3.48 -0.95
N ARG A 15 -1.82 -2.76 0.13
CA ARG A 15 -3.12 -2.83 0.78
C ARG A 15 -4.15 -1.95 0.07
N CYS A 16 -3.70 -0.78 -0.38
CA CYS A 16 -4.57 0.15 -1.10
C CYS A 16 -4.64 -0.19 -2.58
N ALA A 17 -3.51 -0.65 -3.12
CA ALA A 17 -3.45 -1.00 -4.53
C ALA A 17 -4.40 -2.14 -4.86
N PHE A 18 -4.50 -3.10 -3.95
CA PHE A 18 -5.38 -4.25 -4.14
C PHE A 18 -6.85 -3.85 -3.97
N GLU A 19 -7.11 -2.96 -3.03
CA GLU A 19 -8.47 -2.51 -2.76
C GLU A 19 -8.89 -1.45 -3.78
N HIS A 20 -7.91 -0.74 -4.33
CA HIS A 20 -8.17 0.30 -5.33
C HIS A 20 -8.62 -0.32 -6.64
N SER A 21 -8.04 -1.46 -6.99
CA SER A 21 -8.37 -2.16 -8.23
C SER A 21 -9.62 -3.02 -8.05
N ARG A 22 -9.77 -3.58 -6.86
CA ARG A 22 -10.92 -4.44 -6.57
C ARG A 22 -12.24 -3.68 -6.81
N ARG A 23 -12.27 -2.42 -6.40
CA ARG A 23 -13.46 -1.60 -6.56
C ARG A 23 -13.85 -1.50 -8.03
N PHE A 24 -12.86 -1.61 -8.92
CA PHE A 24 -13.09 -1.54 -10.35
C PHE A 24 -13.56 -2.89 -10.89
N THR A 25 -12.96 -3.97 -10.39
CA THR A 25 -13.31 -5.31 -10.82
C THR A 25 -14.49 -5.85 -10.02
N GLN A 1 7.97 7.38 11.62
CA GLN A 1 9.39 7.30 11.30
C GLN A 1 9.60 7.21 9.80
N ARG A 2 10.67 7.83 9.32
CA ARG A 2 10.99 7.82 7.89
C ARG A 2 11.60 6.48 7.49
N SER A 3 12.50 5.96 8.33
CA SER A 3 13.16 4.70 8.06
C SER A 3 12.13 3.57 7.92
N ASN A 4 11.11 3.60 8.76
CA ASN A 4 10.07 2.58 8.73
C ASN A 4 9.05 2.89 7.64
N PHE A 5 9.02 4.14 7.19
CA PHE A 5 8.09 4.56 6.16
C PHE A 5 8.41 3.86 4.83
N HIS A 6 9.69 3.71 4.54
CA HIS A 6 10.13 3.07 3.30
C HIS A 6 9.56 1.65 3.20
N PRO A 7 9.84 0.82 4.21
CA PRO A 7 9.37 -0.57 4.25
C PRO A 7 7.87 -0.65 4.48
N LEU A 8 7.29 0.39 5.07
CA LEU A 8 5.86 0.43 5.34
C LEU A 8 5.09 0.85 4.09
N ALA A 9 5.76 1.56 3.19
CA ALA A 9 5.14 2.03 1.97
C ALA A 9 4.62 0.86 1.14
N ALA A 10 5.41 -0.21 1.07
CA ALA A 10 5.03 -1.40 0.31
C ALA A 10 3.77 -2.04 0.89
N SER A 11 3.72 -2.14 2.21
CA SER A 11 2.58 -2.74 2.88
C SER A 11 1.32 -1.91 2.65
N PHE A 12 1.44 -0.60 2.80
CA PHE A 12 0.31 0.31 2.60
C PHE A 12 -0.06 0.39 1.13
N ILE A 13 0.91 0.16 0.26
CA ILE A 13 0.68 0.22 -1.18
C ILE A 13 -0.04 -1.03 -1.67
N VAL A 14 0.34 -2.19 -1.14
CA VAL A 14 -0.27 -3.45 -1.51
C VAL A 14 -1.69 -3.56 -0.96
N ARG A 15 -1.97 -2.77 0.07
CA ARG A 15 -3.30 -2.79 0.69
C ARG A 15 -4.27 -1.92 -0.10
N CYS A 16 -3.78 -0.79 -0.59
CA CYS A 16 -4.61 0.13 -1.37
C CYS A 16 -4.64 -0.27 -2.84
N ALA A 17 -3.52 -0.79 -3.33
CA ALA A 17 -3.41 -1.22 -4.72
C ALA A 17 -4.39 -2.35 -5.02
N PHE A 18 -4.56 -3.26 -4.05
CA PHE A 18 -5.46 -4.39 -4.21
C PHE A 18 -6.92 -3.94 -4.12
N GLU A 19 -7.18 -3.00 -3.21
CA GLU A 19 -8.53 -2.49 -3.02
C GLU A 19 -8.89 -1.49 -4.11
N HIS A 20 -7.88 -0.83 -4.66
CA HIS A 20 -8.09 0.16 -5.71
C HIS A 20 -8.52 -0.51 -7.01
N SER A 21 -7.96 -1.69 -7.27
CA SER A 21 -8.28 -2.43 -8.48
C SER A 21 -9.55 -3.25 -8.31
N ARG A 22 -9.76 -3.74 -7.10
CA ARG A 22 -10.93 -4.55 -6.79
C ARG A 22 -12.21 -3.78 -7.11
N ARG A 23 -12.23 -2.49 -6.76
CA ARG A 23 -13.39 -1.65 -7.01
C ARG A 23 -13.73 -1.63 -8.49
N PHE A 24 -12.72 -1.81 -9.34
CA PHE A 24 -12.92 -1.81 -10.78
C PHE A 24 -13.42 -3.17 -11.26
N THR A 25 -12.88 -4.23 -10.67
CA THR A 25 -13.27 -5.59 -11.05
C THR A 25 -14.36 -6.12 -10.12
N GLN A 1 8.00 7.34 11.89
CA GLN A 1 9.41 7.15 11.62
C GLN A 1 9.68 7.08 10.12
N ARG A 2 10.64 7.88 9.66
CA ARG A 2 10.99 7.91 8.24
C ARG A 2 11.61 6.59 7.81
N SER A 3 12.50 6.06 8.65
CA SER A 3 13.19 4.80 8.35
C SER A 3 12.18 3.67 8.18
N ASN A 4 11.15 3.66 9.02
CA ASN A 4 10.13 2.63 8.96
C ASN A 4 9.09 2.96 7.89
N PHE A 5 9.04 4.23 7.49
CA PHE A 5 8.09 4.67 6.48
C PHE A 5 8.41 4.05 5.13
N HIS A 6 9.70 3.93 4.82
CA HIS A 6 10.13 3.34 3.56
C HIS A 6 9.59 1.92 3.40
N PRO A 7 9.89 1.06 4.38
CA PRO A 7 9.44 -0.33 4.37
C PRO A 7 7.94 -0.46 4.59
N LEU A 8 7.36 0.54 5.23
CA LEU A 8 5.92 0.55 5.51
C LEU A 8 5.13 1.01 4.30
N ALA A 9 5.79 1.77 3.42
CA ALA A 9 5.14 2.26 2.21
C ALA A 9 4.64 1.12 1.34
N ALA A 10 5.45 0.07 1.22
CA ALA A 10 5.08 -1.09 0.41
C ALA A 10 3.84 -1.78 0.98
N SER A 11 3.80 -1.94 2.30
CA SER A 11 2.68 -2.59 2.96
C SER A 11 1.40 -1.76 2.77
N PHE A 12 1.51 -0.45 2.96
CA PHE A 12 0.36 0.43 2.82
C PHE A 12 -0.03 0.57 1.35
N ILE A 13 0.95 0.40 0.46
CA ILE A 13 0.70 0.51 -0.98
C ILE A 13 -0.01 -0.74 -1.50
N VAL A 14 0.41 -1.90 -1.01
CA VAL A 14 -0.19 -3.16 -1.44
C VAL A 14 -1.61 -3.31 -0.89
N ARG A 15 -1.90 -2.59 0.18
CA ARG A 15 -3.21 -2.64 0.81
C ARG A 15 -4.21 -1.76 0.06
N CYS A 16 -3.74 -0.60 -0.39
CA CYS A 16 -4.60 0.34 -1.13
C CYS A 16 -4.63 -0.01 -2.61
N ALA A 17 -3.50 -0.48 -3.12
CA ALA A 17 -3.40 -0.85 -4.54
C ALA A 17 -4.37 -1.99 -4.87
N PHE A 18 -4.51 -2.93 -3.95
CA PHE A 18 -5.39 -4.07 -4.15
C PHE A 18 -6.86 -3.65 -4.01
N GLU A 19 -7.12 -2.77 -3.04
CA GLU A 19 -8.48 -2.29 -2.80
C GLU A 19 -8.88 -1.26 -3.85
N HIS A 20 -7.89 -0.56 -4.39
CA HIS A 20 -8.14 0.46 -5.41
C HIS A 20 -8.56 -0.18 -6.73
N SER A 21 -8.00 -1.33 -7.03
CA SER A 21 -8.31 -2.04 -8.26
C SER A 21 -9.58 -2.86 -8.11
N ARG A 22 -9.78 -3.41 -6.92
CA ARG A 22 -10.97 -4.23 -6.64
C ARG A 22 -12.24 -3.43 -6.89
N ARG A 23 -12.24 -2.17 -6.45
CA ARG A 23 -13.39 -1.30 -6.63
C ARG A 23 -13.76 -1.17 -8.09
N PHE A 24 -12.77 -1.31 -8.97
CA PHE A 24 -13.00 -1.21 -10.41
C PHE A 24 -13.53 -2.53 -10.97
N THR A 25 -12.98 -3.64 -10.48
CA THR A 25 -13.41 -4.96 -10.93
C THR A 25 -14.60 -5.46 -10.14
N GLN A 1 11.29 8.00 11.71
CA GLN A 1 10.28 7.10 11.15
C GLN A 1 10.41 7.02 9.64
N ARG A 2 11.46 7.63 9.09
CA ARG A 2 11.69 7.63 7.66
C ARG A 2 12.24 6.29 7.20
N SER A 3 13.18 5.74 7.97
CA SER A 3 13.79 4.47 7.64
C SER A 3 12.74 3.37 7.54
N ASN A 4 11.78 3.39 8.45
CA ASN A 4 10.71 2.39 8.46
C ASN A 4 9.63 2.75 7.44
N PHE A 5 9.60 4.01 7.02
CA PHE A 5 8.61 4.46 6.05
C PHE A 5 8.83 3.78 4.70
N HIS A 6 10.09 3.62 4.32
CA HIS A 6 10.43 2.98 3.05
C HIS A 6 9.84 1.59 2.96
N PRO A 7 10.16 0.73 3.95
CA PRO A 7 9.67 -0.64 3.99
C PRO A 7 8.18 -0.71 4.31
N LEU A 8 7.66 0.34 4.95
CA LEU A 8 6.25 0.39 5.31
C LEU A 8 5.41 0.84 4.12
N ALA A 9 6.03 1.57 3.20
CA ALA A 9 5.34 2.06 2.02
C ALA A 9 4.78 0.91 1.18
N ALA A 10 5.57 -0.15 1.06
CA ALA A 10 5.15 -1.32 0.29
C ALA A 10 3.93 -1.98 0.92
N SER A 11 3.95 -2.11 2.24
CA SER A 11 2.85 -2.73 2.97
C SER A 11 1.57 -1.92 2.81
N PHE A 12 1.70 -0.60 2.98
CA PHE A 12 0.55 0.30 2.86
C PHE A 12 0.10 0.42 1.40
N ILE A 13 1.04 0.22 0.48
CA ILE A 13 0.74 0.30 -0.95
C ILE A 13 -0.01 -0.94 -1.42
N VAL A 14 0.41 -2.10 -0.93
CA VAL A 14 -0.22 -3.36 -1.31
C VAL A 14 -1.61 -3.48 -0.70
N ARG A 15 -1.86 -2.72 0.37
CA ARG A 15 -3.14 -2.75 1.04
C ARG A 15 -4.16 -1.87 0.31
N CYS A 16 -3.70 -0.72 -0.18
CA CYS A 16 -4.56 0.20 -0.89
C CYS A 16 -4.65 -0.17 -2.37
N ALA A 17 -3.55 -0.67 -2.91
CA ALA A 17 -3.50 -1.07 -4.32
C ALA A 17 -4.50 -2.18 -4.61
N PHE A 18 -4.64 -3.11 -3.66
CA PHE A 18 -5.55 -4.23 -3.82
C PHE A 18 -7.00 -3.76 -3.73
N GLU A 19 -7.26 -2.82 -2.83
CA GLU A 19 -8.61 -2.29 -2.65
C GLU A 19 -8.93 -1.25 -3.72
N HIS A 20 -7.89 -0.61 -4.24
CA HIS A 20 -8.06 0.41 -5.27
C HIS A 20 -8.49 -0.23 -6.59
N SER A 21 -7.94 -1.41 -6.87
CA SER A 21 -8.26 -2.12 -8.11
C SER A 21 -9.55 -2.91 -7.97
N ARG A 22 -9.79 -3.44 -6.77
CA ARG A 22 -10.99 -4.22 -6.50
C ARG A 22 -12.25 -3.42 -6.82
N ARG A 23 -12.24 -2.15 -6.44
CA ARG A 23 -13.38 -1.27 -6.69
C ARG A 23 -13.69 -1.20 -8.18
N PHE A 24 -12.68 -1.39 -9.01
CA PHE A 24 -12.84 -1.34 -10.45
C PHE A 24 -13.35 -2.68 -10.99
N THR A 25 -12.83 -3.77 -10.43
CA THR A 25 -13.24 -5.11 -10.84
C THR A 25 -14.46 -5.57 -10.07
N GLN A 1 8.09 7.13 11.85
CA GLN A 1 9.51 7.16 11.47
C GLN A 1 9.67 7.12 9.96
N ARG A 2 10.72 7.78 9.46
CA ARG A 2 10.99 7.82 8.03
C ARG A 2 11.60 6.51 7.55
N SER A 3 12.52 5.96 8.33
CA SER A 3 13.19 4.71 7.99
C SER A 3 12.17 3.59 7.84
N ASN A 4 11.17 3.57 8.72
CA ASN A 4 10.14 2.54 8.68
C ASN A 4 9.07 2.88 7.64
N PHE A 5 9.02 4.15 7.25
CA PHE A 5 8.05 4.60 6.26
C PHE A 5 8.33 3.97 4.90
N HIS A 6 9.61 3.84 4.56
CA HIS A 6 9.99 3.25 3.28
C HIS A 6 9.44 1.83 3.14
N PRO A 7 9.77 0.97 4.11
CA PRO A 7 9.31 -0.43 4.11
C PRO A 7 7.82 -0.54 4.39
N LEU A 8 7.25 0.47 5.04
CA LEU A 8 5.83 0.48 5.37
C LEU A 8 5.00 0.94 4.17
N ALA A 9 5.64 1.71 3.27
CA ALA A 9 4.96 2.21 2.09
C ALA A 9 4.46 1.06 1.22
N ALA A 10 5.29 0.02 1.07
CA ALA A 10 4.93 -1.13 0.27
C ALA A 10 3.71 -1.85 0.85
N SER A 11 3.71 -2.02 2.17
CA SER A 11 2.61 -2.70 2.84
C SER A 11 1.30 -1.91 2.67
N PHE A 12 1.38 -0.60 2.87
CA PHE A 12 0.21 0.26 2.74
C PHE A 12 -0.20 0.41 1.29
N ILE A 13 0.77 0.26 0.39
CA ILE A 13 0.51 0.38 -1.05
C ILE A 13 -0.17 -0.87 -1.58
N VAL A 14 0.27 -2.04 -1.11
CA VAL A 14 -0.30 -3.31 -1.54
C VAL A 14 -1.70 -3.49 -0.98
N ARG A 15 -2.00 -2.78 0.10
CA ARG A 15 -3.32 -2.87 0.73
C ARG A 15 -4.33 -2.00 0.01
N CYS A 16 -3.90 -0.82 -0.43
CA CYS A 16 -4.76 0.11 -1.14
C CYS A 16 -4.81 -0.22 -2.62
N ALA A 17 -3.67 -0.66 -3.16
CA ALA A 17 -3.59 -1.01 -4.57
C ALA A 17 -4.53 -2.17 -4.92
N PHE A 18 -4.64 -3.12 -4.01
CA PHE A 18 -5.50 -4.28 -4.21
C PHE A 18 -6.97 -3.89 -4.06
N GLU A 19 -7.25 -3.02 -3.11
CA GLU A 19 -8.61 -2.57 -2.86
C GLU A 19 -9.03 -1.52 -3.89
N HIS A 20 -8.06 -0.80 -4.41
CA HIS A 20 -8.33 0.24 -5.41
C HIS A 20 -8.75 -0.37 -6.73
N SER A 21 -8.15 -1.51 -7.07
CA SER A 21 -8.47 -2.19 -8.32
C SER A 21 -9.71 -3.07 -8.16
N ARG A 22 -9.88 -3.64 -6.97
CA ARG A 22 -11.02 -4.51 -6.69
C ARG A 22 -12.33 -3.77 -6.94
N ARG A 23 -12.38 -2.51 -6.52
CA ARG A 23 -13.57 -1.69 -6.69
C ARG A 23 -13.95 -1.59 -8.18
N PHE A 24 -12.95 -1.70 -9.04
CA PHE A 24 -13.18 -1.61 -10.48
C PHE A 24 -13.64 -2.97 -11.03
N THR A 25 -13.04 -4.04 -10.53
CA THR A 25 -13.38 -5.38 -10.97
C THR A 25 -14.56 -5.94 -10.17
N GLN A 1 11.09 7.81 11.80
CA GLN A 1 10.09 6.92 11.23
C GLN A 1 10.23 6.83 9.70
N ARG A 2 11.30 7.43 9.19
CA ARG A 2 11.56 7.43 7.76
C ARG A 2 12.10 6.08 7.31
N SER A 3 13.01 5.52 8.09
CA SER A 3 13.62 4.23 7.78
C SER A 3 12.55 3.14 7.65
N ASN A 4 11.57 3.20 8.55
CA ASN A 4 10.49 2.21 8.55
C ASN A 4 9.43 2.57 7.50
N PHE A 5 9.43 3.83 7.08
CA PHE A 5 8.47 4.30 6.09
C PHE A 5 8.70 3.62 4.74
N HIS A 6 9.97 3.43 4.39
CA HIS A 6 10.33 2.79 3.13
C HIS A 6 9.71 1.40 3.03
N PRO A 7 10.01 0.55 4.02
CA PRO A 7 9.49 -0.82 4.07
C PRO A 7 7.99 -0.87 4.34
N LEU A 8 7.49 0.19 4.98
CA LEU A 8 6.07 0.26 5.31
C LEU A 8 5.25 0.73 4.10
N ALA A 9 5.91 1.44 3.19
CA ALA A 9 5.24 1.95 2.00
C ALA A 9 4.69 0.80 1.16
N ALA A 10 5.46 -0.27 1.04
CA ALA A 10 5.04 -1.43 0.27
C ALA A 10 3.80 -2.07 0.87
N SER A 11 3.79 -2.22 2.19
CA SER A 11 2.67 -2.81 2.89
C SER A 11 1.40 -1.98 2.71
N PHE A 12 1.54 -0.66 2.88
CA PHE A 12 0.42 0.25 2.74
C PHE A 12 0.00 0.38 1.27
N ILE A 13 0.95 0.16 0.38
CA ILE A 13 0.68 0.25 -1.06
C ILE A 13 -0.06 -0.98 -1.55
N VAL A 14 0.32 -2.15 -1.05
CA VAL A 14 -0.32 -3.39 -1.44
C VAL A 14 -1.73 -3.50 -0.86
N ARG A 15 -1.97 -2.74 0.21
CA ARG A 15 -3.28 -2.74 0.85
C ARG A 15 -4.26 -1.86 0.11
N CYS A 16 -3.78 -0.71 -0.36
CA CYS A 16 -4.61 0.23 -1.09
C CYS A 16 -4.69 -0.14 -2.57
N ALA A 17 -3.58 -0.65 -3.11
CA ALA A 17 -3.53 -1.05 -4.51
C ALA A 17 -4.53 -2.15 -4.80
N PHE A 18 -4.67 -3.09 -3.87
CA PHE A 18 -5.60 -4.20 -4.04
C PHE A 18 -7.05 -3.74 -3.87
N GLU A 19 -7.27 -2.83 -2.92
CA GLU A 19 -8.61 -2.31 -2.66
C GLU A 19 -9.00 -1.27 -3.71
N HIS A 20 -8.00 -0.61 -4.28
CA HIS A 20 -8.24 0.41 -5.30
C HIS A 20 -8.73 -0.23 -6.59
N SER A 21 -8.19 -1.41 -6.91
CA SER A 21 -8.58 -2.12 -8.12
C SER A 21 -9.85 -2.93 -7.90
N ARG A 22 -10.01 -3.45 -6.69
CA ARG A 22 -11.18 -4.24 -6.36
C ARG A 22 -12.47 -3.46 -6.61
N ARG A 23 -12.45 -2.18 -6.23
CA ARG A 23 -13.61 -1.32 -6.41
C ARG A 23 -14.02 -1.26 -7.88
N PHE A 24 -13.04 -1.43 -8.76
CA PHE A 24 -13.30 -1.39 -10.20
C PHE A 24 -13.82 -2.74 -10.70
N THR A 25 -13.26 -3.81 -10.17
CA THR A 25 -13.67 -5.16 -10.56
C THR A 25 -14.85 -5.64 -9.72
#